data_4K7Z
#
_entry.id   4K7Z
#
_cell.length_a   86.584
_cell.length_b   86.584
_cell.length_c   137.370
_cell.angle_alpha   90.00
_cell.angle_beta   90.00
_cell.angle_gamma   90.00
#
_symmetry.space_group_name_H-M   'P 43 21 2'
#
loop_
_entity.id
_entity.type
_entity.pdbx_description
1 polymer 'Mercuric reductase'
2 non-polymer 'FLAVIN-ADENINE DINUCLEOTIDE'
3 non-polymer 'NADP NICOTINAMIDE-ADENINE-DINUCLEOTIDE PHOSPHATE'
4 non-polymer 'MERCURY (II) ION'
5 non-polymer 'SULFATE ION'
6 non-polymer GLYCEROL
7 non-polymer 'UNKNOWN ATOM OR ION'
8 water water
#
_entity_poly.entity_id   1
_entity_poly.type   'polypeptide(L)'
_entity_poly.pdbx_seq_one_letter_code
;MEPPVQVAVIGSGGAAMAAALKAVEQGAQVTLIERGTIGGTAVNVGAVPSKIMIRAAHIAHLRRESPFDGGIAATVPTID
RSKLLAQQQARVDELRHAKYEGILGGNPAITVVHGEARFKDDQSLTVRLNEGGERVVMFDRCLVATGASPAVPPIPGLKE
SPYWTSTEALASDTIPERLAVIGSSVVALELAQAFARLGSKVTVLARNTLFFREDPAIGEAVTAAFRAEGIEVLEHTQAS
QVAHMDGEFVLTTTHGELRADKLLVATGRTPNTRSLALDAAGVTVNAQGAIVIDQGMRTSNPNIYAAGDCTDQPQFVYVA
AAAGTRAAINMTGGDAALDLTAMPAVVFTDPQVATVGYSEAEAHHDGIETDSRTLTLDNVPRALANFDTRGFIKLVIEEG
SHRLIGVQAVAPEAGELIQTAALAIRNRMTVQELADQLFPYLTMVEGLKLAAQTFNKDVKQLSCCAG
;
_entity_poly.pdbx_strand_id   A
#
loop_
_chem_comp.id
_chem_comp.type
_chem_comp.name
_chem_comp.formula
FAD non-polymer 'FLAVIN-ADENINE DINUCLEOTIDE' 'C27 H33 N9 O15 P2'
GOL non-polymer GLYCEROL 'C3 H8 O3'
HG non-polymer 'MERCURY (II) ION' 'Hg 2'
NAP non-polymer 'NADP NICOTINAMIDE-ADENINE-DINUCLEOTIDE PHOSPHATE' 'C21 H28 N7 O17 P3'
SO4 non-polymer 'SULFATE ION' 'O4 S -2'
UNX non-polymer 'UNKNOWN ATOM OR ION' ?
#
# COMPACT_ATOMS: atom_id res chain seq x y z
N MET A 1 -40.23 2.66 22.44
CA MET A 1 -39.34 3.24 21.38
C MET A 1 -37.92 2.76 21.62
N GLU A 2 -37.22 2.39 20.54
CA GLU A 2 -35.90 1.77 20.63
C GLU A 2 -34.77 2.77 20.42
N PRO A 3 -33.76 2.76 21.30
CA PRO A 3 -32.69 3.75 21.26
C PRO A 3 -31.69 3.54 20.12
N PRO A 4 -31.03 4.61 19.66
CA PRO A 4 -29.92 4.44 18.73
C PRO A 4 -28.85 3.51 19.31
N VAL A 5 -28.33 2.62 18.47
CA VAL A 5 -27.21 1.76 18.86
C VAL A 5 -26.00 2.65 19.14
N GLN A 6 -25.30 2.35 20.23
CA GLN A 6 -24.09 3.08 20.59
C GLN A 6 -22.88 2.34 20.00
N VAL A 7 -22.25 2.98 19.03
CA VAL A 7 -21.10 2.40 18.33
C VAL A 7 -19.85 3.20 18.68
N ALA A 8 -18.86 2.49 19.21
CA ALA A 8 -17.54 3.08 19.46
C ALA A 8 -16.60 2.71 18.33
N VAL A 9 -15.82 3.67 17.84
CA VAL A 9 -14.82 3.44 16.81
C VAL A 9 -13.47 3.92 17.33
N ILE A 10 -12.48 3.04 17.33
CA ILE A 10 -11.13 3.39 17.74
C ILE A 10 -10.28 3.61 16.49
N GLY A 11 -9.83 4.84 16.30
CA GLY A 11 -9.08 5.27 15.12
C GLY A 11 -9.86 6.28 14.30
N SER A 12 -9.18 6.91 13.34
CA SER A 12 -9.81 7.86 12.42
C SER A 12 -9.24 7.79 11.00
N GLY A 13 -8.65 6.64 10.67
CA GLY A 13 -8.13 6.37 9.34
C GLY A 13 -9.22 5.91 8.38
N GLY A 14 -8.82 5.31 7.27
CA GLY A 14 -9.77 4.89 6.26
C GLY A 14 -10.84 3.93 6.75
N ALA A 15 -10.43 2.95 7.56
CA ALA A 15 -11.38 1.99 8.14
C ALA A 15 -12.36 2.66 9.11
N ALA A 16 -11.83 3.43 10.04
CA ALA A 16 -12.66 4.10 11.03
C ALA A 16 -13.63 5.11 10.40
N MET A 17 -13.16 5.89 9.45
CA MET A 17 -14.01 6.89 8.80
C MET A 17 -15.17 6.24 8.07
N ALA A 18 -14.87 5.22 7.29
CA ALA A 18 -15.89 4.49 6.55
C ALA A 18 -16.94 3.92 7.51
N ALA A 19 -16.46 3.33 8.60
CA ALA A 19 -17.36 2.72 9.58
C ALA A 19 -18.22 3.77 10.27
N ALA A 20 -17.61 4.87 10.69
CA ALA A 20 -18.31 5.90 11.42
C ALA A 20 -19.47 6.43 10.57
N LEU A 21 -19.18 6.74 9.32
CA LEU A 21 -20.19 7.31 8.42
C LEU A 21 -21.30 6.33 8.10
N LYS A 22 -20.95 5.08 7.84
CA LYS A 22 -21.94 4.06 7.55
C LYS A 22 -22.81 3.77 8.77
N ALA A 23 -22.20 3.73 9.96
CA ALA A 23 -22.93 3.51 11.20
C ALA A 23 -23.99 4.60 11.43
N VAL A 24 -23.60 5.87 11.22
CA VAL A 24 -24.55 6.98 11.34
C VAL A 24 -25.67 6.84 10.30
N GLU A 25 -25.30 6.57 9.05
CA GLU A 25 -26.29 6.33 7.99
C GLU A 25 -27.30 5.25 8.38
N GLN A 26 -26.84 4.24 9.11
CA GLN A 26 -27.69 3.16 9.59
C GLN A 26 -28.37 3.48 10.93
N GLY A 27 -28.27 4.73 11.37
CA GLY A 27 -29.04 5.23 12.52
C GLY A 27 -28.37 5.10 13.88
N ALA A 28 -27.09 4.76 13.90
CA ALA A 28 -26.35 4.63 15.15
C ALA A 28 -25.70 5.94 15.59
N GLN A 29 -25.38 6.01 16.88
CA GLN A 29 -24.70 7.14 17.46
C GLN A 29 -23.25 6.74 17.69
N VAL A 30 -22.31 7.49 17.11
CA VAL A 30 -20.90 7.10 17.09
C VAL A 30 -20.05 7.93 18.05
N THR A 31 -19.22 7.23 18.82
CA THR A 31 -18.15 7.87 19.58
C THR A 31 -16.83 7.37 18.98
N LEU A 32 -16.05 8.30 18.43
CA LEU A 32 -14.82 7.95 17.73
C LEU A 32 -13.66 8.50 18.54
N ILE A 33 -12.70 7.62 18.81
CA ILE A 33 -11.57 7.95 19.67
C ILE A 33 -10.26 7.88 18.87
N GLU A 34 -9.50 8.97 18.88
CA GLU A 34 -8.25 9.08 18.12
C GLU A 34 -7.20 9.72 19.00
N ARG A 35 -6.05 9.06 19.10
CA ARG A 35 -4.96 9.52 19.96
C ARG A 35 -4.03 10.55 19.34
N GLY A 36 -3.94 10.55 18.01
CA GLY A 36 -3.05 11.45 17.27
C GLY A 36 -3.80 12.31 16.28
N THR A 37 -3.15 12.62 15.17
CA THR A 37 -3.76 13.45 14.15
C THR A 37 -4.95 12.73 13.50
N ILE A 38 -6.04 13.45 13.32
CA ILE A 38 -7.20 12.90 12.63
C ILE A 38 -6.82 12.49 11.22
N GLY A 39 -7.32 11.34 10.79
CA GLY A 39 -7.11 10.86 9.41
C GLY A 39 -6.18 9.68 9.29
N GLY A 40 -5.36 9.42 10.31
CA GLY A 40 -4.49 8.26 10.28
C GLY A 40 -3.46 8.30 9.16
N THR A 41 -3.17 7.14 8.60
CA THR A 41 -1.98 6.96 7.78
C THR A 41 -2.10 7.45 6.34
N ALA A 42 -3.15 7.05 5.62
CA ALA A 42 -3.20 7.34 4.18
C ALA A 42 -3.10 8.83 3.88
N VAL A 43 -3.88 9.63 4.60
CA VAL A 43 -3.88 11.05 4.32
C VAL A 43 -2.65 11.75 4.90
N ASN A 44 -2.23 11.39 6.11
CA ASN A 44 -1.19 12.19 6.79
C ASN A 44 0.25 11.82 6.51
N VAL A 45 0.54 10.52 6.52
CA VAL A 45 1.93 10.04 6.48
C VAL A 45 2.13 8.83 5.56
N GLY A 46 1.19 8.60 4.66
CA GLY A 46 1.18 7.39 3.85
C GLY A 46 0.98 7.66 2.37
N ALA A 47 -0.12 7.13 1.84
CA ALA A 47 -0.43 7.17 0.43
C ALA A 47 -0.36 8.57 -0.17
N VAL A 48 -1.04 9.54 0.43
CA VAL A 48 -1.13 10.85 -0.21
C VAL A 48 0.24 11.56 -0.31
N PRO A 49 0.95 11.77 0.82
CA PRO A 49 2.25 12.45 0.68
C PRO A 49 3.25 11.66 -0.16
N SER A 50 3.22 10.33 -0.07
CA SER A 50 4.15 9.53 -0.87
C SER A 50 3.88 9.67 -2.38
N LYS A 51 2.63 9.58 -2.80
CA LYS A 51 2.34 9.72 -4.23
C LYS A 51 2.67 11.13 -4.74
N ILE A 52 2.49 12.15 -3.90
CA ILE A 52 2.86 13.52 -4.31
C ILE A 52 4.35 13.58 -4.54
N MET A 53 5.12 13.05 -3.59
CA MET A 53 6.57 13.09 -3.68
C MET A 53 7.08 12.31 -4.89
N ILE A 54 6.42 11.20 -5.19
CA ILE A 54 6.78 10.38 -6.33
C ILE A 54 6.49 11.10 -7.64
N ARG A 55 5.39 11.87 -7.69
CA ARG A 55 5.09 12.65 -8.88
C ARG A 55 6.14 13.76 -9.08
N ALA A 56 6.50 14.45 -8.01
CA ALA A 56 7.58 15.44 -8.07
C ALA A 56 8.85 14.79 -8.62
N ALA A 57 9.16 13.62 -8.09
CA ALA A 57 10.33 12.85 -8.54
C ALA A 57 10.27 12.50 -10.02
N HIS A 58 9.07 12.19 -10.52
CA HIS A 58 8.89 11.84 -11.91
C HIS A 58 9.24 13.02 -12.81
N ILE A 59 8.78 14.20 -12.42
CA ILE A 59 9.08 15.40 -13.18
CA ILE A 59 9.07 15.42 -13.16
C ILE A 59 10.57 15.70 -13.15
N ALA A 60 11.19 15.59 -11.97
CA ALA A 60 12.64 15.81 -11.86
C ALA A 60 13.39 14.84 -12.76
N HIS A 61 13.00 13.57 -12.73
CA HIS A 61 13.67 12.54 -13.53
C HIS A 61 13.56 12.84 -15.01
N LEU A 62 12.36 13.16 -15.48
CA LEU A 62 12.18 13.44 -16.90
C LEU A 62 12.84 14.75 -17.37
N ARG A 63 13.09 15.66 -16.45
CA ARG A 63 13.89 16.84 -16.75
C ARG A 63 15.34 16.47 -16.89
N ARG A 64 15.77 15.42 -16.17
CA ARG A 64 17.15 14.93 -16.22
C ARG A 64 17.43 14.07 -17.46
N GLU A 65 16.48 13.22 -17.85
CA GLU A 65 16.74 12.25 -18.91
C GLU A 65 15.45 11.72 -19.49
N SER A 66 15.53 11.27 -20.74
CA SER A 66 14.39 10.65 -21.42
C SER A 66 14.87 9.84 -22.62
N PRO A 67 13.99 9.00 -23.19
CA PRO A 67 14.37 8.29 -24.41
C PRO A 67 14.46 9.17 -25.66
N PHE A 68 14.11 10.45 -25.53
CA PHE A 68 14.12 11.41 -26.63
C PHE A 68 15.22 12.45 -26.48
N ASP A 69 16.25 12.15 -25.68
CA ASP A 69 17.31 13.12 -25.43
C ASP A 69 18.20 13.39 -26.64
N GLY A 70 18.16 12.51 -27.63
CA GLY A 70 18.86 12.76 -28.88
C GLY A 70 18.41 14.05 -29.54
N GLY A 71 17.12 14.37 -29.42
CA GLY A 71 16.52 15.56 -30.01
C GLY A 71 15.91 16.58 -29.07
N ILE A 72 15.93 16.30 -27.76
CA ILE A 72 15.42 17.26 -26.77
C ILE A 72 16.47 17.40 -25.68
N ALA A 73 17.01 18.61 -25.52
CA ALA A 73 18.05 18.83 -24.51
C ALA A 73 17.49 18.59 -23.11
N ALA A 74 18.36 18.11 -22.23
CA ALA A 74 18.03 17.89 -20.82
C ALA A 74 18.94 18.74 -19.95
N THR A 75 18.45 19.08 -18.77
CA THR A 75 19.24 19.82 -17.78
C THR A 75 19.07 19.10 -16.44
N VAL A 76 20.01 19.28 -15.52
CA VAL A 76 19.82 18.79 -14.16
C VAL A 76 19.06 19.91 -13.43
N PRO A 77 17.81 19.65 -13.00
CA PRO A 77 17.04 20.72 -12.38
C PRO A 77 17.44 20.97 -10.93
N THR A 78 17.51 22.23 -10.54
CA THR A 78 17.64 22.58 -9.12
C THR A 78 16.34 22.19 -8.41
N ILE A 79 16.48 21.58 -7.24
CA ILE A 79 15.35 21.11 -6.42
C ILE A 79 15.30 21.91 -5.12
N ASP A 80 14.17 22.57 -4.86
CA ASP A 80 13.93 23.24 -3.59
C ASP A 80 12.96 22.38 -2.80
N ARG A 81 13.49 21.55 -1.92
CA ARG A 81 12.65 20.62 -1.18
C ARG A 81 11.74 21.32 -0.17
N SER A 82 12.15 22.50 0.30
CA SER A 82 11.31 23.25 1.20
C SER A 82 10.00 23.63 0.51
N LYS A 83 10.09 24.09 -0.73
CA LYS A 83 8.89 24.43 -1.49
C LYS A 83 8.08 23.19 -1.84
N LEU A 84 8.77 22.11 -2.22
CA LEU A 84 8.04 20.87 -2.53
C LEU A 84 7.31 20.35 -1.30
N LEU A 85 7.98 20.37 -0.16
CA LEU A 85 7.36 19.90 1.08
C LEU A 85 6.15 20.76 1.45
N ALA A 86 6.27 22.08 1.32
CA ALA A 86 5.15 22.96 1.62
C ALA A 86 3.93 22.67 0.75
N GLN A 87 4.18 22.46 -0.54
CA GLN A 87 3.11 22.11 -1.47
C GLN A 87 2.44 20.78 -1.09
N GLN A 88 3.27 19.80 -0.79
CA GLN A 88 2.83 18.48 -0.37
C GLN A 88 1.98 18.55 0.89
N GLN A 89 2.49 19.26 1.88
CA GLN A 89 1.81 19.39 3.17
C GLN A 89 0.50 20.14 3.06
N ALA A 90 0.43 21.14 2.19
CA ALA A 90 -0.82 21.89 2.01
C ALA A 90 -1.93 20.99 1.46
N ARG A 91 -1.60 20.12 0.52
CA ARG A 91 -2.58 19.19 0.00
C ARG A 91 -3.00 18.18 1.09
N VAL A 92 -2.04 17.67 1.85
CA VAL A 92 -2.35 16.78 2.97
C VAL A 92 -3.30 17.46 3.96
N ASP A 93 -2.98 18.70 4.34
CA ASP A 93 -3.78 19.41 5.33
C ASP A 93 -5.18 19.69 4.79
N GLU A 94 -5.26 20.07 3.53
CA GLU A 94 -6.54 20.33 2.86
C GLU A 94 -7.42 19.08 2.87
N LEU A 95 -6.84 17.95 2.51
CA LEU A 95 -7.61 16.71 2.43
C LEU A 95 -8.03 16.22 3.81
N ARG A 96 -7.16 16.38 4.81
CA ARG A 96 -7.53 16.02 6.18
C ARG A 96 -8.76 16.81 6.62
N HIS A 97 -8.78 18.10 6.32
CA HIS A 97 -9.94 18.96 6.64
C HIS A 97 -11.18 18.50 5.88
N ALA A 98 -11.05 18.39 4.56
CA ALA A 98 -12.20 18.15 3.67
C ALA A 98 -12.87 16.80 3.85
N LYS A 99 -12.07 15.75 3.98
CA LYS A 99 -12.58 14.38 3.94
C LYS A 99 -12.61 13.68 5.30
N TYR A 100 -12.02 14.31 6.32
CA TYR A 100 -11.97 13.71 7.65
C TYR A 100 -12.55 14.65 8.71
N GLU A 101 -11.82 15.71 9.04
CA GLU A 101 -12.23 16.62 10.12
C GLU A 101 -13.59 17.28 9.87
N GLY A 102 -13.79 17.79 8.65
CA GLY A 102 -15.04 18.46 8.30
C GLY A 102 -16.24 17.55 8.25
N ILE A 103 -16.00 16.28 7.95
CA ILE A 103 -17.06 15.29 7.87
C ILE A 103 -17.44 14.83 9.28
N LEU A 104 -16.44 14.62 10.15
CA LEU A 104 -16.71 14.22 11.53
C LEU A 104 -17.34 15.34 12.34
N GLY A 105 -16.84 16.57 12.16
CA GLY A 105 -17.29 17.71 12.94
C GLY A 105 -18.68 18.18 12.56
N GLY A 106 -19.03 18.01 11.29
CA GLY A 106 -20.32 18.45 10.76
C GLY A 106 -21.45 17.46 11.00
N ASN A 107 -21.18 16.37 11.72
CA ASN A 107 -22.21 15.39 12.02
C ASN A 107 -22.48 15.28 13.53
N PRO A 108 -23.67 15.75 13.97
CA PRO A 108 -24.13 15.73 15.38
C PRO A 108 -24.34 14.34 16.02
N ALA A 109 -24.39 13.28 15.22
CA ALA A 109 -24.47 11.91 15.75
C ALA A 109 -23.08 11.32 16.00
N ILE A 110 -22.04 12.15 15.90
CA ILE A 110 -20.67 11.73 16.10
C ILE A 110 -19.98 12.57 17.16
N THR A 111 -19.40 11.91 18.17
CA THR A 111 -18.57 12.57 19.15
C THR A 111 -17.13 12.11 18.94
N VAL A 112 -16.24 13.06 18.65
CA VAL A 112 -14.81 12.77 18.54
C VAL A 112 -14.15 13.00 19.89
N VAL A 113 -13.36 12.01 20.34
CA VAL A 113 -12.63 12.08 21.59
C VAL A 113 -11.15 12.00 21.27
N HIS A 114 -10.40 12.99 21.74
CA HIS A 114 -8.97 13.04 21.53
C HIS A 114 -8.27 12.35 22.68
N GLY A 115 -7.87 11.10 22.47
CA GLY A 115 -7.25 10.31 23.51
C GLY A 115 -6.93 8.92 23.04
N GLU A 116 -6.31 8.14 23.92
CA GLU A 116 -5.94 6.76 23.62
C GLU A 116 -6.88 5.80 24.32
N ALA A 117 -7.58 4.98 23.53
CA ALA A 117 -8.54 4.01 24.05
C ALA A 117 -7.91 2.67 24.37
N ARG A 118 -8.40 2.05 25.44
CA ARG A 118 -8.17 0.62 25.69
C ARG A 118 -9.48 0.02 26.18
N PHE A 119 -9.60 -1.30 26.08
CA PHE A 119 -10.79 -1.97 26.58
C PHE A 119 -10.77 -2.08 28.10
N LYS A 120 -11.90 -1.74 28.71
CA LYS A 120 -12.13 -1.94 30.14
C LYS A 120 -12.79 -3.30 30.33
N ASP A 121 -13.77 -3.58 29.48
CA ASP A 121 -14.40 -4.88 29.42
C ASP A 121 -15.01 -5.05 28.03
N ASP A 122 -15.92 -6.00 27.85
CA ASP A 122 -16.41 -6.27 26.49
CA ASP A 122 -16.48 -6.33 26.54
C ASP A 122 -17.54 -5.33 26.07
N GLN A 123 -17.89 -4.35 26.91
CA GLN A 123 -18.89 -3.35 26.55
C GLN A 123 -18.45 -1.91 26.84
N SER A 124 -17.18 -1.71 27.16
CA SER A 124 -16.70 -0.36 27.47
C SER A 124 -15.20 -0.16 27.28
N LEU A 125 -14.81 1.10 27.01
CA LEU A 125 -13.42 1.50 26.88
C LEU A 125 -13.06 2.49 27.97
N THR A 126 -11.78 2.51 28.34
CA THR A 126 -11.21 3.60 29.10
C THR A 126 -10.31 4.40 28.17
N VAL A 127 -10.48 5.71 28.17
CA VAL A 127 -9.72 6.58 27.31
C VAL A 127 -8.83 7.48 28.14
N ARG A 128 -7.53 7.42 27.86
CA ARG A 128 -6.58 8.38 28.42
C ARG A 128 -6.62 9.62 27.52
N LEU A 129 -7.22 10.69 28.03
CA LEU A 129 -7.45 11.90 27.22
C LEU A 129 -6.15 12.67 27.00
N ASN A 130 -6.00 13.22 25.80
CA ASN A 130 -4.79 13.98 25.47
C ASN A 130 -4.60 15.20 26.37
N GLU A 131 -5.70 15.74 26.88
CA GLU A 131 -5.62 16.88 27.79
C GLU A 131 -5.59 16.46 29.25
N GLY A 132 -5.37 15.17 29.49
CA GLY A 132 -5.24 14.63 30.84
C GLY A 132 -6.52 14.06 31.39
N GLY A 133 -6.39 13.18 32.37
CA GLY A 133 -7.55 12.51 32.93
C GLY A 133 -8.09 11.44 31.99
N GLU A 134 -9.26 10.91 32.34
CA GLU A 134 -9.85 9.81 31.59
C GLU A 134 -11.36 10.00 31.42
N ARG A 135 -11.92 9.31 30.42
CA ARG A 135 -13.35 9.07 30.36
C ARG A 135 -13.59 7.61 30.02
N VAL A 136 -14.76 7.13 30.40
CA VAL A 136 -15.24 5.81 29.99
C VAL A 136 -16.20 5.99 28.83
N VAL A 137 -16.04 5.13 27.82
CA VAL A 137 -16.96 5.10 26.69
C VAL A 137 -17.68 3.76 26.71
N MET A 138 -18.97 3.80 27.03
CA MET A 138 -19.79 2.61 26.97
CA MET A 138 -19.81 2.61 26.98
C MET A 138 -20.24 2.42 25.53
N PHE A 139 -20.32 1.17 25.10
CA PHE A 139 -20.77 0.88 23.73
C PHE A 139 -21.61 -0.39 23.65
N ASP A 140 -22.46 -0.45 22.64
CA ASP A 140 -23.15 -1.68 22.29
C ASP A 140 -22.29 -2.50 21.35
N ARG A 141 -21.67 -1.82 20.38
CA ARG A 141 -20.72 -2.45 19.46
C ARG A 141 -19.50 -1.54 19.34
N CYS A 142 -18.34 -2.16 19.08
CA CYS A 142 -17.09 -1.41 18.92
C CYS A 142 -16.31 -1.93 17.74
N LEU A 143 -15.79 -1.00 16.94
CA LEU A 143 -14.87 -1.32 15.86
C LEU A 143 -13.49 -0.85 16.24
N VAL A 144 -12.55 -1.78 16.21
CA VAL A 144 -11.13 -1.47 16.41
C VAL A 144 -10.50 -1.26 15.02
N ALA A 145 -10.01 -0.05 14.76
CA ALA A 145 -9.43 0.30 13.45
C ALA A 145 -8.17 1.13 13.73
N THR A 146 -7.26 0.53 14.47
CA THR A 146 -6.11 1.22 15.03
C THR A 146 -4.87 1.21 14.14
N GLY A 147 -4.95 0.56 12.99
CA GLY A 147 -3.88 0.59 12.02
C GLY A 147 -2.60 -0.10 12.47
N ALA A 148 -1.51 0.28 11.83
CA ALA A 148 -0.20 -0.29 12.08
C ALA A 148 0.86 0.80 12.20
N SER A 149 2.08 0.40 12.54
CA SER A 149 3.21 1.31 12.68
C SER A 149 4.44 0.70 12.04
N PRO A 150 5.40 1.54 11.63
CA PRO A 150 6.60 0.96 11.03
C PRO A 150 7.33 0.00 11.97
N ALA A 151 7.77 -1.14 11.43
CA ALA A 151 8.52 -2.13 12.19
C ALA A 151 9.98 -1.72 12.19
N VAL A 152 10.69 -2.05 13.25
CA VAL A 152 12.09 -1.69 13.33
C VAL A 152 12.85 -2.95 13.76
N PRO A 153 13.76 -3.44 12.91
CA PRO A 153 14.53 -4.65 13.24
C PRO A 153 15.53 -4.38 14.35
N PRO A 154 15.86 -5.39 15.18
CA PRO A 154 16.73 -5.15 16.34
C PRO A 154 18.23 -5.11 16.01
N ILE A 155 18.59 -4.39 14.95
CA ILE A 155 19.96 -4.30 14.50
C ILE A 155 20.74 -3.50 15.54
N PRO A 156 21.87 -4.04 16.02
CA PRO A 156 22.61 -3.27 17.02
C PRO A 156 22.94 -1.85 16.56
N GLY A 157 22.66 -0.91 17.46
CA GLY A 157 22.92 0.50 17.24
C GLY A 157 21.79 1.25 16.55
N LEU A 158 20.83 0.54 15.98
CA LEU A 158 19.77 1.21 15.20
C LEU A 158 18.82 2.00 16.09
N LYS A 159 18.37 1.38 17.18
CA LYS A 159 17.31 1.95 18.03
C LYS A 159 17.61 3.38 18.45
N GLU A 160 18.85 3.63 18.85
CA GLU A 160 19.21 4.93 19.40
C GLU A 160 19.76 5.91 18.36
N SER A 161 19.82 5.49 17.09
CA SER A 161 20.31 6.33 16.01
C SER A 161 19.16 7.18 15.45
N PRO A 162 19.48 8.30 14.76
CA PRO A 162 18.46 9.22 14.26
C PRO A 162 17.90 8.78 12.89
N TYR A 163 17.47 7.53 12.82
CA TYR A 163 17.01 6.96 11.57
C TYR A 163 15.61 7.45 11.22
N TRP A 164 15.24 7.23 9.96
CA TRP A 164 13.93 7.55 9.44
C TRP A 164 13.08 6.29 9.28
N THR A 165 11.79 6.40 9.58
CA THR A 165 10.78 5.55 8.97
C THR A 165 10.18 6.34 7.79
N SER A 166 9.20 5.75 7.12
CA SER A 166 8.52 6.47 6.04
C SER A 166 7.98 7.83 6.50
N THR A 167 7.55 7.93 7.76
CA THR A 167 7.00 9.18 8.26
C THR A 167 8.02 10.32 8.22
N GLU A 168 9.19 10.10 8.81
CA GLU A 168 10.22 11.11 8.87
C GLU A 168 10.79 11.41 7.48
N ALA A 169 10.88 10.40 6.63
CA ALA A 169 11.35 10.60 5.26
C ALA A 169 10.42 11.53 4.48
N LEU A 170 9.11 11.28 4.56
CA LEU A 170 8.13 12.09 3.85
C LEU A 170 8.06 13.52 4.37
N ALA A 171 8.36 13.69 5.66
CA ALA A 171 8.28 15.00 6.32
C ALA A 171 9.58 15.79 6.21
N SER A 172 10.64 15.18 5.69
CA SER A 172 11.97 15.82 5.63
CA SER A 172 11.94 15.83 5.67
C SER A 172 11.96 17.03 4.72
N ASP A 173 12.64 18.09 5.15
CA ASP A 173 12.69 19.32 4.35
C ASP A 173 13.93 19.45 3.47
N THR A 174 14.76 18.41 3.45
CA THR A 174 15.94 18.39 2.61
C THR A 174 16.12 17.04 1.93
N ILE A 175 16.71 17.06 0.76
CA ILE A 175 17.08 15.84 0.08
C ILE A 175 18.50 15.51 0.51
N PRO A 176 18.70 14.36 1.19
CA PRO A 176 20.05 14.03 1.65
C PRO A 176 20.96 13.68 0.49
N GLU A 177 22.24 14.03 0.61
CA GLU A 177 23.20 13.71 -0.43
C GLU A 177 23.28 12.20 -0.65
N ARG A 178 23.31 11.44 0.44
CA ARG A 178 23.38 9.98 0.42
C ARG A 178 22.29 9.41 1.31
N LEU A 179 21.47 8.52 0.77
CA LEU A 179 20.41 7.85 1.52
C LEU A 179 20.63 6.34 1.47
N ALA A 180 20.74 5.71 2.63
CA ALA A 180 20.72 4.26 2.73
C ALA A 180 19.32 3.83 3.09
N VAL A 181 18.87 2.73 2.49
CA VAL A 181 17.53 2.20 2.73
C VAL A 181 17.65 0.74 3.11
N ILE A 182 17.13 0.37 4.28
CA ILE A 182 17.03 -1.03 4.67
C ILE A 182 15.59 -1.47 4.41
N GLY A 183 15.44 -2.47 3.55
CA GLY A 183 14.12 -2.92 3.13
C GLY A 183 14.06 -3.14 1.63
N SER A 184 13.04 -3.86 1.17
CA SER A 184 13.04 -4.32 -0.22
C SER A 184 11.65 -4.61 -0.78
N SER A 185 10.67 -3.90 -0.25
CA SER A 185 9.30 -4.04 -0.69
C SER A 185 8.75 -2.66 -1.02
N VAL A 186 7.43 -2.51 -0.94
CA VAL A 186 6.83 -1.33 -1.54
CA VAL A 186 6.74 -1.33 -1.47
C VAL A 186 7.26 0.01 -0.89
N VAL A 187 7.28 0.11 0.44
CA VAL A 187 7.67 1.38 1.06
C VAL A 187 9.13 1.74 0.73
N ALA A 188 10.02 0.78 0.91
CA ALA A 188 11.44 0.99 0.66
C ALA A 188 11.68 1.42 -0.77
N LEU A 189 11.02 0.76 -1.71
CA LEU A 189 11.33 0.97 -3.11
C LEU A 189 10.62 2.20 -3.71
N GLU A 190 9.38 2.43 -3.31
CA GLU A 190 8.72 3.69 -3.68
C GLU A 190 9.53 4.89 -3.21
N LEU A 191 9.97 4.86 -1.96
CA LEU A 191 10.69 6.00 -1.43
C LEU A 191 12.13 6.07 -1.92
N ALA A 192 12.79 4.92 -2.07
CA ALA A 192 14.15 4.93 -2.64
C ALA A 192 14.19 5.62 -3.98
N GLN A 193 13.27 5.28 -4.87
CA GLN A 193 13.30 5.84 -6.21
C GLN A 193 12.94 7.33 -6.18
N ALA A 194 11.99 7.72 -5.35
CA ALA A 194 11.62 9.14 -5.25
C ALA A 194 12.81 9.96 -4.78
N PHE A 195 13.48 9.52 -3.72
CA PHE A 195 14.64 10.26 -3.23
C PHE A 195 15.78 10.30 -4.26
N ALA A 196 16.02 9.18 -4.93
CA ALA A 196 17.08 9.14 -5.94
C ALA A 196 16.81 10.15 -7.05
N ARG A 197 15.56 10.20 -7.50
CA ARG A 197 15.16 11.11 -8.58
C ARG A 197 15.21 12.57 -8.18
N LEU A 198 15.02 12.84 -6.89
CA LEU A 198 15.10 14.19 -6.36
C LEU A 198 16.50 14.60 -5.96
N GLY A 199 17.48 13.72 -6.16
CA GLY A 199 18.89 14.08 -6.03
C GLY A 199 19.75 13.22 -5.15
N SER A 200 19.18 12.33 -4.34
CA SER A 200 20.00 11.51 -3.44
C SER A 200 20.74 10.41 -4.20
N LYS A 201 21.95 10.10 -3.74
CA LYS A 201 22.64 8.86 -4.10
C LYS A 201 22.09 7.78 -3.17
N VAL A 202 21.33 6.85 -3.74
CA VAL A 202 20.59 5.87 -2.93
C VAL A 202 21.18 4.47 -3.02
N THR A 203 21.32 3.84 -1.86
CA THR A 203 21.77 2.46 -1.75
C THR A 203 20.71 1.69 -0.97
N VAL A 204 20.17 0.64 -1.60
CA VAL A 204 19.17 -0.22 -0.98
C VAL A 204 19.83 -1.50 -0.48
N LEU A 205 19.66 -1.79 0.81
CA LEU A 205 20.14 -3.03 1.42
C LEU A 205 18.95 -3.99 1.49
N ALA A 206 18.91 -4.94 0.56
CA ALA A 206 17.82 -5.90 0.47
C ALA A 206 18.27 -7.22 1.05
N ARG A 207 17.57 -7.71 2.06
CA ARG A 207 18.08 -8.90 2.74
C ARG A 207 18.04 -10.13 1.84
N ASN A 208 17.09 -10.17 0.90
CA ASN A 208 17.07 -11.18 -0.16
C ASN A 208 17.09 -10.47 -1.53
N THR A 209 16.08 -10.66 -2.36
CA THR A 209 15.94 -9.93 -3.61
C THR A 209 14.73 -9.00 -3.49
N LEU A 210 14.60 -8.06 -4.42
CA LEU A 210 13.49 -7.11 -4.37
C LEU A 210 12.17 -7.81 -4.60
N PHE A 211 11.14 -7.40 -3.87
CA PHE A 211 9.82 -8.01 -3.97
C PHE A 211 9.91 -9.54 -3.86
N PHE A 212 10.54 -9.98 -2.78
CA PHE A 212 10.89 -11.38 -2.57
C PHE A 212 9.68 -12.29 -2.50
N ARG A 213 8.56 -11.76 -2.01
CA ARG A 213 7.31 -12.52 -1.81
C ARG A 213 6.41 -12.49 -3.06
N GLU A 214 6.85 -11.80 -4.11
CA GLU A 214 6.07 -11.67 -5.35
C GLU A 214 6.66 -12.55 -6.45
N ASP A 215 5.93 -12.70 -7.54
CA ASP A 215 6.44 -13.41 -8.71
C ASP A 215 7.83 -12.86 -9.01
N PRO A 216 8.84 -13.74 -9.20
CA PRO A 216 10.22 -13.25 -9.32
C PRO A 216 10.49 -12.32 -10.50
N ALA A 217 9.64 -12.36 -11.54
CA ALA A 217 9.78 -11.46 -12.68
C ALA A 217 9.66 -9.99 -12.27
N ILE A 218 8.84 -9.73 -11.25
CA ILE A 218 8.63 -8.37 -10.76
C ILE A 218 9.94 -7.79 -10.23
N GLY A 219 10.55 -8.47 -9.27
CA GLY A 219 11.80 -7.99 -8.69
C GLY A 219 12.91 -7.86 -9.72
N GLU A 220 12.93 -8.77 -10.68
CA GLU A 220 13.95 -8.74 -11.72
CA GLU A 220 13.92 -8.77 -11.75
C GLU A 220 13.83 -7.46 -12.53
N ALA A 221 12.61 -7.11 -12.94
CA ALA A 221 12.40 -5.90 -13.74
C ALA A 221 12.66 -4.63 -12.95
N VAL A 222 12.20 -4.60 -11.70
CA VAL A 222 12.38 -3.39 -10.87
C VAL A 222 13.84 -3.18 -10.53
N THR A 223 14.55 -4.26 -10.22
CA THR A 223 15.96 -4.17 -9.93
C THR A 223 16.73 -3.60 -11.12
N ALA A 224 16.44 -4.11 -12.31
CA ALA A 224 17.10 -3.63 -13.51
C ALA A 224 16.78 -2.16 -13.74
N ALA A 225 15.52 -1.77 -13.56
CA ALA A 225 15.12 -0.37 -13.75
C ALA A 225 15.87 0.53 -12.76
N PHE A 226 15.95 0.12 -11.50
CA PHE A 226 16.64 0.93 -10.50
C PHE A 226 18.10 1.10 -10.85
N ARG A 227 18.77 0.01 -11.21
CA ARG A 227 20.18 0.07 -11.53
C ARG A 227 20.42 0.94 -12.76
N ALA A 228 19.50 0.91 -13.72
CA ALA A 228 19.61 1.71 -14.93
C ALA A 228 19.62 3.21 -14.67
N GLU A 229 19.00 3.66 -13.57
CA GLU A 229 19.01 5.09 -13.22
C GLU A 229 19.90 5.39 -12.01
N GLY A 230 20.84 4.51 -11.71
CA GLY A 230 21.92 4.79 -10.78
C GLY A 230 21.63 4.53 -9.33
N ILE A 231 20.58 3.78 -9.05
CA ILE A 231 20.28 3.33 -7.68
C ILE A 231 21.04 2.04 -7.45
N GLU A 232 21.81 1.98 -6.37
CA GLU A 232 22.54 0.76 -6.03
C GLU A 232 21.62 -0.17 -5.25
N VAL A 233 21.51 -1.41 -5.72
CA VAL A 233 20.67 -2.41 -5.06
C VAL A 233 21.57 -3.56 -4.62
N LEU A 234 21.82 -3.63 -3.32
CA LEU A 234 22.66 -4.65 -2.72
C LEU A 234 21.76 -5.80 -2.28
N GLU A 235 21.73 -6.85 -3.08
CA GLU A 235 20.92 -8.02 -2.80
C GLU A 235 21.60 -8.89 -1.75
N HIS A 236 20.82 -9.67 -1.02
CA HIS A 236 21.34 -10.61 0.00
C HIS A 236 22.31 -9.90 0.94
N THR A 237 21.92 -8.69 1.36
CA THR A 237 22.79 -7.82 2.15
C THR A 237 22.02 -7.31 3.35
N GLN A 238 22.60 -7.52 4.53
CA GLN A 238 22.08 -6.98 5.77
C GLN A 238 23.13 -6.20 6.52
N ALA A 239 22.67 -5.20 7.27
CA ALA A 239 23.51 -4.42 8.15
C ALA A 239 23.53 -5.12 9.49
N SER A 240 24.72 -5.39 10.02
CA SER A 240 24.86 -6.01 11.33
C SER A 240 25.07 -5.01 12.45
N GLN A 241 25.41 -3.78 12.10
CA GLN A 241 25.65 -2.71 13.07
C GLN A 241 25.30 -1.38 12.40
N VAL A 242 24.66 -0.51 13.17
CA VAL A 242 24.42 0.87 12.79
C VAL A 242 25.16 1.73 13.81
N ALA A 243 25.80 2.79 13.32
CA ALA A 243 26.38 3.80 14.17
C ALA A 243 26.09 5.14 13.51
N HIS A 244 26.10 6.20 14.32
CA HIS A 244 25.97 7.55 13.80
C HIS A 244 27.10 8.36 14.44
N MET A 245 28.10 8.68 13.63
CA MET A 245 29.36 9.23 14.10
C MET A 245 29.82 10.33 13.16
N ASP A 246 30.27 11.45 13.73
CA ASP A 246 30.72 12.62 12.97
C ASP A 246 29.70 13.07 11.91
N GLY A 247 28.43 13.02 12.29
CA GLY A 247 27.35 13.57 11.46
C GLY A 247 26.81 12.69 10.35
N GLU A 248 27.19 11.41 10.32
CA GLU A 248 26.71 10.50 9.27
C GLU A 248 26.48 9.10 9.81
N PHE A 249 25.63 8.35 9.12
CA PHE A 249 25.41 6.94 9.44
C PHE A 249 26.56 6.11 8.90
N VAL A 250 27.00 5.16 9.71
CA VAL A 250 28.00 4.18 9.31
C VAL A 250 27.38 2.81 9.51
N LEU A 251 27.21 2.07 8.42
CA LEU A 251 26.58 0.76 8.47
C LEU A 251 27.62 -0.33 8.20
N THR A 252 27.68 -1.32 9.09
CA THR A 252 28.55 -2.47 8.90
C THR A 252 27.73 -3.53 8.20
N THR A 253 28.19 -3.97 7.02
CA THR A 253 27.39 -4.91 6.24
C THR A 253 28.23 -6.03 5.68
N THR A 254 27.54 -7.03 5.15
CA THR A 254 28.18 -8.11 4.40
C THR A 254 28.89 -7.63 3.13
N HIS A 255 28.52 -6.43 2.66
CA HIS A 255 29.15 -5.81 1.48
C HIS A 255 30.29 -4.85 1.85
N GLY A 256 30.60 -4.74 3.14
CA GLY A 256 31.58 -3.77 3.64
C GLY A 256 30.91 -2.58 4.32
N GLU A 257 31.69 -1.57 4.68
CA GLU A 257 31.16 -0.40 5.37
C GLU A 257 30.46 0.57 4.41
N LEU A 258 29.25 1.00 4.77
CA LEU A 258 28.49 1.95 3.97
C LEU A 258 28.19 3.18 4.82
N ARG A 259 28.36 4.36 4.22
CA ARG A 259 28.09 5.61 4.92
C ARG A 259 26.99 6.37 4.20
N ALA A 260 26.15 7.06 4.96
CA ALA A 260 25.06 7.85 4.38
C ALA A 260 24.67 8.99 5.31
N ASP A 261 23.98 9.99 4.76
CA ASP A 261 23.53 11.11 5.55
C ASP A 261 22.24 10.80 6.28
N LYS A 262 21.39 9.99 5.65
CA LYS A 262 20.13 9.57 6.26
C LYS A 262 19.94 8.09 6.00
N LEU A 263 19.16 7.46 6.89
CA LEU A 263 18.89 6.03 6.82
C LEU A 263 17.38 5.81 6.94
N LEU A 264 16.78 5.28 5.88
CA LEU A 264 15.39 4.88 5.89
C LEU A 264 15.27 3.40 6.21
N VAL A 265 14.49 3.08 7.23
CA VAL A 265 14.18 1.70 7.61
C VAL A 265 12.74 1.43 7.22
N ALA A 266 12.56 0.53 6.25
CA ALA A 266 11.27 0.23 5.67
C ALA A 266 11.12 -1.28 5.57
N THR A 267 10.90 -1.88 6.72
CA THR A 267 10.95 -3.34 6.90
C THR A 267 9.62 -3.89 7.44
N GLY A 268 8.52 -3.38 6.90
CA GLY A 268 7.19 -3.83 7.27
C GLY A 268 6.54 -2.95 8.31
N ARG A 269 5.33 -3.32 8.68
CA ARG A 269 4.57 -2.60 9.66
C ARG A 269 4.05 -3.63 10.66
N THR A 270 3.75 -3.17 11.86
CA THR A 270 3.21 -4.04 12.91
C THR A 270 1.88 -3.47 13.40
N PRO A 271 0.90 -4.33 13.69
CA PRO A 271 -0.42 -3.86 14.11
C PRO A 271 -0.39 -3.14 15.45
N ASN A 272 -1.20 -2.08 15.57
CA ASN A 272 -1.25 -1.28 16.78
C ASN A 272 -2.25 -1.87 17.77
N THR A 273 -1.81 -2.88 18.53
CA THR A 273 -2.73 -3.60 19.40
C THR A 273 -2.25 -3.79 20.84
N ARG A 274 -0.99 -3.51 21.12
CA ARG A 274 -0.44 -3.74 22.47
C ARG A 274 -1.01 -2.82 23.55
N SER A 275 -1.49 -1.63 23.19
CA SER A 275 -2.05 -0.68 24.16
C SER A 275 -3.57 -0.83 24.35
N LEU A 276 -4.17 -1.83 23.71
CA LEU A 276 -5.64 -1.96 23.71
C LEU A 276 -6.25 -2.81 24.82
N ALA A 277 -5.42 -3.50 25.60
CA ALA A 277 -5.92 -4.42 26.63
C ALA A 277 -7.00 -5.35 26.06
N LEU A 278 -6.70 -5.95 24.91
CA LEU A 278 -7.65 -6.79 24.19
C LEU A 278 -8.14 -7.99 25.01
N ASP A 279 -7.28 -8.50 25.89
CA ASP A 279 -7.64 -9.61 26.78
CA ASP A 279 -7.66 -9.62 26.75
C ASP A 279 -8.83 -9.25 27.67
N ALA A 280 -8.93 -7.97 28.05
CA ALA A 280 -10.04 -7.50 28.90
C ALA A 280 -11.41 -7.63 28.21
N ALA A 281 -11.42 -7.68 26.88
CA ALA A 281 -12.67 -7.82 26.13
C ALA A 281 -12.76 -9.15 25.39
N GLY A 282 -11.84 -10.06 25.65
CA GLY A 282 -11.85 -11.39 25.03
C GLY A 282 -11.65 -11.35 23.53
N VAL A 283 -10.81 -10.43 23.07
CA VAL A 283 -10.50 -10.29 21.64
C VAL A 283 -9.14 -10.93 21.34
N THR A 284 -9.17 -11.97 20.51
CA THR A 284 -7.98 -12.77 20.22
C THR A 284 -7.12 -12.15 19.11
N VAL A 285 -5.80 -12.23 19.28
CA VAL A 285 -4.86 -11.83 18.26
C VAL A 285 -4.03 -13.03 17.80
N ASN A 286 -3.38 -12.90 16.64
CA ASN A 286 -2.51 -13.95 16.11
C ASN A 286 -1.06 -13.72 16.55
N ALA A 287 -0.14 -14.53 16.05
CA ALA A 287 1.26 -14.46 16.47
C ALA A 287 1.96 -13.14 16.13
N GLN A 288 1.44 -12.41 15.15
CA GLN A 288 1.97 -11.08 14.79
C GLN A 288 1.32 -9.92 15.57
N GLY A 289 0.36 -10.23 16.44
CA GLY A 289 -0.38 -9.20 17.16
C GLY A 289 -1.58 -8.63 16.40
N ALA A 290 -1.89 -9.19 15.22
CA ALA A 290 -3.04 -8.76 14.44
C ALA A 290 -4.33 -9.33 15.03
N ILE A 291 -5.38 -8.52 15.05
CA ILE A 291 -6.69 -8.97 15.55
C ILE A 291 -7.30 -9.95 14.56
N VAL A 292 -7.68 -11.13 15.05
CA VAL A 292 -8.26 -12.15 14.20
C VAL A 292 -9.73 -11.82 13.90
N ILE A 293 -10.10 -11.88 12.63
CA ILE A 293 -11.46 -11.58 12.20
C ILE A 293 -11.93 -12.56 11.12
N ASP A 294 -13.24 -12.67 10.97
CA ASP A 294 -13.82 -13.40 9.84
C ASP A 294 -14.08 -12.45 8.67
N GLN A 295 -14.71 -12.97 7.61
CA GLN A 295 -14.99 -12.16 6.42
C GLN A 295 -16.00 -11.03 6.68
N GLY A 296 -16.70 -11.08 7.83
CA GLY A 296 -17.58 -10.00 8.26
C GLY A 296 -16.95 -9.05 9.28
N MET A 297 -15.62 -9.14 9.44
CA MET A 297 -14.84 -8.32 10.38
C MET A 297 -15.13 -8.57 11.88
N ARG A 298 -15.79 -9.69 12.20
CA ARG A 298 -16.14 -10.04 13.58
CA ARG A 298 -16.11 -9.95 13.60
C ARG A 298 -14.95 -10.65 14.31
N THR A 299 -14.66 -10.19 15.53
CA THR A 299 -13.60 -10.75 16.37
C THR A 299 -14.16 -11.92 17.17
N SER A 300 -13.33 -12.46 18.07
CA SER A 300 -13.76 -13.53 18.99
C SER A 300 -14.87 -13.06 19.94
N ASN A 301 -14.98 -11.75 20.16
CA ASN A 301 -16.10 -11.19 20.89
C ASN A 301 -17.17 -10.69 19.93
N PRO A 302 -18.41 -11.18 20.07
CA PRO A 302 -19.46 -10.87 19.09
C PRO A 302 -19.84 -9.39 18.99
N ASN A 303 -19.50 -8.60 20.01
CA ASN A 303 -19.85 -7.18 19.95
CA ASN A 303 -19.81 -7.17 20.09
C ASN A 303 -18.69 -6.31 19.50
N ILE A 304 -17.55 -6.94 19.20
CA ILE A 304 -16.37 -6.20 18.77
C ILE A 304 -15.91 -6.65 17.39
N TYR A 305 -15.63 -5.67 16.55
CA TYR A 305 -15.22 -5.87 15.18
C TYR A 305 -13.85 -5.24 15.01
N ALA A 306 -13.15 -5.63 13.95
CA ALA A 306 -11.87 -5.00 13.63
C ALA A 306 -11.69 -4.92 12.12
N ALA A 307 -11.01 -3.87 11.67
CA ALA A 307 -10.85 -3.66 10.23
C ALA A 307 -9.56 -2.91 9.96
N GLY A 308 -8.95 -3.18 8.82
CA GLY A 308 -7.78 -2.42 8.39
C GLY A 308 -6.47 -3.02 8.83
N ASP A 309 -5.45 -2.17 8.91
CA ASP A 309 -4.08 -2.63 9.13
C ASP A 309 -3.85 -3.27 10.51
N CYS A 310 -4.78 -3.11 11.44
CA CYS A 310 -4.66 -3.76 12.75
C CYS A 310 -5.09 -5.22 12.71
N THR A 311 -5.65 -5.64 11.57
CA THR A 311 -5.95 -7.05 11.29
C THR A 311 -4.87 -7.60 10.33
N ASP A 312 -5.10 -8.80 9.80
CA ASP A 312 -4.21 -9.44 8.81
CA ASP A 312 -4.16 -9.36 8.81
C ASP A 312 -4.53 -8.99 7.38
N GLN A 313 -5.49 -8.08 7.24
CA GLN A 313 -5.94 -7.65 5.91
C GLN A 313 -4.82 -6.98 5.11
N PRO A 314 -4.86 -7.09 3.78
CA PRO A 314 -3.92 -6.32 2.98
C PRO A 314 -3.96 -4.85 3.35
N GLN A 315 -2.79 -4.23 3.44
CA GLN A 315 -2.66 -2.86 3.89
C GLN A 315 -2.75 -1.90 2.72
N PHE A 316 -3.99 -1.68 2.29
CA PHE A 316 -4.34 -0.71 1.28
C PHE A 316 -5.53 0.07 1.83
N VAL A 317 -5.57 1.38 1.62
CA VAL A 317 -6.65 2.16 2.22
C VAL A 317 -8.01 1.78 1.66
N TYR A 318 -8.06 1.32 0.40
CA TYR A 318 -9.32 0.87 -0.19
C TYR A 318 -9.82 -0.42 0.44
N VAL A 319 -8.90 -1.26 0.92
CA VAL A 319 -9.30 -2.45 1.67
C VAL A 319 -9.78 -2.04 3.07
N ALA A 320 -9.02 -1.19 3.75
CA ALA A 320 -9.41 -0.71 5.07
C ALA A 320 -10.80 -0.06 5.04
N ALA A 321 -11.04 0.80 4.06
CA ALA A 321 -12.34 1.46 3.92
C ALA A 321 -13.47 0.47 3.65
N ALA A 322 -13.25 -0.45 2.72
CA ALA A 322 -14.26 -1.47 2.39
C ALA A 322 -14.59 -2.32 3.61
N ALA A 323 -13.56 -2.69 4.37
CA ALA A 323 -13.71 -3.47 5.60
C ALA A 323 -14.50 -2.70 6.66
N GLY A 324 -14.17 -1.41 6.82
CA GLY A 324 -14.86 -0.57 7.79
C GLY A 324 -16.35 -0.43 7.47
N THR A 325 -16.66 -0.18 6.20
CA THR A 325 -18.04 -0.06 5.77
C THR A 325 -18.82 -1.32 6.14
N ARG A 326 -18.25 -2.48 5.85
CA ARG A 326 -18.95 -3.74 6.08
C ARG A 326 -19.02 -4.10 7.57
N ALA A 327 -18.01 -3.74 8.34
CA ALA A 327 -18.08 -3.90 9.79
C ALA A 327 -19.25 -3.10 10.34
N ALA A 328 -19.41 -1.85 9.89
CA ALA A 328 -20.51 -0.99 10.34
C ALA A 328 -21.87 -1.59 10.00
N ILE A 329 -22.00 -2.16 8.81
CA ILE A 329 -23.22 -2.85 8.42
C ILE A 329 -23.55 -3.95 9.43
N ASN A 330 -22.54 -4.75 9.75
CA ASN A 330 -22.71 -5.87 10.67
C ASN A 330 -22.94 -5.43 12.12
N MET A 331 -22.33 -4.30 12.50
CA MET A 331 -22.56 -3.70 13.83
C MET A 331 -23.98 -3.16 14.00
N THR A 332 -24.66 -2.89 12.89
CA THR A 332 -26.01 -2.32 12.91
C THR A 332 -27.05 -3.30 12.37
N GLY A 333 -26.79 -4.60 12.51
CA GLY A 333 -27.79 -5.64 12.26
C GLY A 333 -27.77 -6.29 10.89
N GLY A 334 -26.81 -5.92 10.05
CA GLY A 334 -26.73 -6.43 8.69
C GLY A 334 -25.92 -7.70 8.56
N ASP A 335 -25.67 -8.11 7.31
CA ASP A 335 -24.95 -9.34 7.02
C ASP A 335 -24.09 -9.12 5.78
N ALA A 336 -22.94 -8.48 5.99
CA ALA A 336 -22.01 -8.17 4.91
C ALA A 336 -20.70 -8.93 5.04
N ALA A 337 -20.07 -9.18 3.90
CA ALA A 337 -18.78 -9.85 3.86
C ALA A 337 -17.89 -9.14 2.86
N LEU A 338 -16.59 -9.14 3.13
CA LEU A 338 -15.61 -8.53 2.24
C LEU A 338 -15.02 -9.59 1.29
N ASP A 339 -15.11 -9.33 0.00
CA ASP A 339 -14.59 -10.21 -1.04
C ASP A 339 -13.34 -9.58 -1.66
N LEU A 340 -12.19 -10.21 -1.47
CA LEU A 340 -10.93 -9.67 -2.00
C LEU A 340 -10.41 -10.43 -3.22
N THR A 341 -11.27 -11.24 -3.87
CA THR A 341 -10.87 -12.06 -5.01
CA THR A 341 -10.82 -12.07 -4.97
C THR A 341 -10.29 -11.25 -6.16
N ALA A 342 -10.84 -10.05 -6.38
CA ALA A 342 -10.39 -9.23 -7.52
C ALA A 342 -9.71 -7.95 -7.04
N MET A 343 -9.00 -8.03 -5.93
CA MET A 343 -8.34 -6.88 -5.31
C MET A 343 -7.07 -6.53 -6.07
N PRO A 344 -7.01 -5.33 -6.68
CA PRO A 344 -5.78 -4.93 -7.32
C PRO A 344 -4.81 -4.32 -6.30
N ALA A 345 -3.54 -4.28 -6.67
CA ALA A 345 -2.50 -3.66 -5.86
C ALA A 345 -1.53 -2.98 -6.80
N VAL A 346 -1.07 -1.79 -6.43
CA VAL A 346 -0.18 -1.01 -7.26
C VAL A 346 1.01 -0.53 -6.45
N VAL A 347 2.21 -0.66 -7.03
CA VAL A 347 3.44 -0.08 -6.50
C VAL A 347 3.80 1.09 -7.42
N PHE A 348 3.94 2.27 -6.83
CA PHE A 348 4.16 3.51 -7.57
C PHE A 348 5.65 3.80 -7.74
N THR A 349 6.37 2.79 -8.20
CA THR A 349 7.68 2.95 -8.79
C THR A 349 7.50 3.32 -10.26
N ASP A 350 8.59 3.58 -10.95
CA ASP A 350 8.56 3.80 -12.40
C ASP A 350 9.59 2.89 -13.05
N PRO A 351 9.13 1.88 -13.81
CA PRO A 351 7.76 1.48 -14.10
C PRO A 351 7.00 1.03 -12.85
N GLN A 352 5.67 1.13 -12.90
CA GLN A 352 4.82 0.68 -11.82
C GLN A 352 4.76 -0.84 -11.80
N VAL A 353 4.47 -1.39 -10.63
CA VAL A 353 4.07 -2.79 -10.50
C VAL A 353 2.58 -2.81 -10.23
N ALA A 354 1.85 -3.74 -10.84
CA ALA A 354 0.46 -3.92 -10.51
C ALA A 354 0.13 -5.38 -10.60
N THR A 355 -0.66 -5.85 -9.64
CA THR A 355 -1.07 -7.24 -9.59
C THR A 355 -2.54 -7.31 -9.23
N VAL A 356 -3.17 -8.40 -9.67
CA VAL A 356 -4.53 -8.74 -9.26
C VAL A 356 -4.69 -10.25 -9.39
N GLY A 357 -5.44 -10.86 -8.48
CA GLY A 357 -5.64 -12.31 -8.52
C GLY A 357 -4.39 -13.11 -8.20
N TYR A 358 -4.30 -14.31 -8.77
CA TYR A 358 -3.24 -15.26 -8.44
C TYR A 358 -1.99 -15.12 -9.28
N SER A 359 -0.82 -15.19 -8.64
CA SER A 359 0.41 -15.55 -9.33
C SER A 359 0.37 -17.06 -9.60
N GLU A 360 1.24 -17.52 -10.49
CA GLU A 360 1.39 -18.96 -10.73
C GLU A 360 1.61 -19.71 -9.42
N ALA A 361 2.52 -19.19 -8.61
CA ALA A 361 2.88 -19.84 -7.35
C ALA A 361 1.72 -19.86 -6.35
N GLU A 362 0.98 -18.76 -6.26
CA GLU A 362 -0.18 -18.70 -5.36
C GLU A 362 -1.27 -19.68 -5.81
N ALA A 363 -1.50 -19.78 -7.11
CA ALA A 363 -2.47 -20.73 -7.65
C ALA A 363 -2.07 -22.18 -7.33
N HIS A 364 -0.79 -22.48 -7.51
CA HIS A 364 -0.26 -23.83 -7.23
CA HIS A 364 -0.28 -23.83 -7.22
C HIS A 364 -0.48 -24.19 -5.76
N HIS A 365 -0.20 -23.24 -4.88
CA HIS A 365 -0.38 -23.43 -3.43
C HIS A 365 -1.84 -23.74 -3.06
N ASP A 366 -2.78 -23.22 -3.84
CA ASP A 366 -4.22 -23.45 -3.61
C ASP A 366 -4.79 -24.63 -4.42
N GLY A 367 -3.93 -25.41 -5.05
CA GLY A 367 -4.34 -26.60 -5.78
C GLY A 367 -4.93 -26.35 -7.16
N ILE A 368 -4.75 -25.13 -7.68
CA ILE A 368 -5.26 -24.76 -9.00
C ILE A 368 -4.21 -25.05 -10.08
N GLU A 369 -4.61 -25.80 -11.11
CA GLU A 369 -3.75 -26.08 -12.26
C GLU A 369 -3.79 -24.88 -13.21
N THR A 370 -2.62 -24.40 -13.63
CA THR A 370 -2.52 -23.17 -14.40
C THR A 370 -1.68 -23.27 -15.67
N ASP A 371 -1.86 -22.28 -16.53
CA ASP A 371 -0.92 -21.95 -17.57
C ASP A 371 -0.68 -20.45 -17.48
N SER A 372 0.34 -19.96 -18.16
CA SER A 372 0.67 -18.55 -18.13
C SER A 372 1.39 -18.10 -19.40
N ARG A 373 1.36 -16.79 -19.65
CA ARG A 373 2.12 -16.18 -20.72
C ARG A 373 2.72 -14.90 -20.18
N THR A 374 3.95 -14.61 -20.57
CA THR A 374 4.64 -13.41 -20.15
C THR A 374 5.03 -12.61 -21.39
N LEU A 375 4.38 -11.47 -21.58
CA LEU A 375 4.63 -10.62 -22.73
C LEU A 375 5.58 -9.49 -22.33
N THR A 376 6.78 -9.50 -22.88
CA THR A 376 7.72 -8.42 -22.62
C THR A 376 7.23 -7.14 -23.32
N LEU A 377 7.54 -5.99 -22.72
CA LEU A 377 6.98 -4.73 -23.19
C LEU A 377 7.50 -4.28 -24.54
N ASP A 378 8.57 -4.91 -25.03
CA ASP A 378 9.00 -4.65 -26.41
C ASP A 378 8.04 -5.24 -27.45
N ASN A 379 6.94 -5.86 -27.00
CA ASN A 379 5.84 -6.27 -27.87
C ASN A 379 4.61 -5.36 -27.79
N VAL A 380 4.68 -4.33 -26.95
CA VAL A 380 3.53 -3.45 -26.75
C VAL A 380 3.76 -2.15 -27.53
N PRO A 381 2.88 -1.86 -28.50
CA PRO A 381 3.05 -0.67 -29.33
C PRO A 381 3.29 0.63 -28.56
N ARG A 382 2.56 0.87 -27.48
CA ARG A 382 2.75 2.08 -26.66
C ARG A 382 4.17 2.19 -26.13
N ALA A 383 4.72 1.09 -25.65
CA ALA A 383 6.07 1.08 -25.07
C ALA A 383 7.10 1.36 -26.17
N LEU A 384 6.88 0.77 -27.34
CA LEU A 384 7.75 0.99 -28.48
C LEU A 384 7.72 2.45 -28.93
N ALA A 385 6.53 3.05 -28.96
CA ALA A 385 6.41 4.44 -29.39
C ALA A 385 7.05 5.39 -28.37
N ASN A 386 7.12 4.95 -27.12
CA ASN A 386 7.78 5.73 -26.06
C ASN A 386 9.28 5.43 -25.92
N PHE A 387 9.77 4.48 -26.70
CA PHE A 387 11.19 4.08 -26.66
C PHE A 387 11.61 3.69 -25.25
N ASP A 388 10.71 3.01 -24.56
CA ASP A 388 10.98 2.51 -23.22
C ASP A 388 10.26 1.18 -23.07
N THR A 389 11.00 0.09 -23.13
CA THR A 389 10.39 -1.25 -23.14
C THR A 389 10.72 -2.05 -21.88
N ARG A 390 11.12 -1.36 -20.81
CA ARG A 390 11.32 -1.97 -19.48
C ARG A 390 9.99 -2.63 -19.07
N GLY A 391 10.03 -3.90 -18.68
CA GLY A 391 8.86 -4.53 -18.06
C GLY A 391 8.18 -5.61 -18.88
N PHE A 392 6.98 -5.97 -18.44
CA PHE A 392 6.25 -7.10 -19.01
C PHE A 392 4.82 -7.09 -18.50
N ILE A 393 3.97 -7.88 -19.14
CA ILE A 393 2.62 -8.17 -18.69
C ILE A 393 2.47 -9.68 -18.67
N LYS A 394 2.13 -10.23 -17.51
CA LYS A 394 2.00 -11.68 -17.31
C LYS A 394 0.57 -12.04 -16.96
N LEU A 395 0.01 -13.03 -17.65
CA LEU A 395 -1.35 -13.49 -17.43
C LEU A 395 -1.32 -14.92 -16.93
N VAL A 396 -2.15 -15.21 -15.93
CA VAL A 396 -2.27 -16.55 -15.34
C VAL A 396 -3.70 -17.03 -15.54
N ILE A 397 -3.85 -18.22 -16.12
CA ILE A 397 -5.17 -18.78 -16.37
C ILE A 397 -5.30 -20.14 -15.69
N GLU A 398 -6.54 -20.53 -15.43
CA GLU A 398 -6.84 -21.88 -14.99
C GLU A 398 -6.78 -22.79 -16.22
N GLU A 399 -6.10 -23.93 -16.10
CA GLU A 399 -6.07 -24.93 -17.17
C GLU A 399 -7.48 -25.50 -17.39
N GLY A 400 -7.83 -25.75 -18.64
CA GLY A 400 -9.11 -26.37 -18.98
C GLY A 400 -10.19 -25.34 -19.25
N SER A 401 -10.51 -24.53 -18.25
CA SER A 401 -11.51 -23.47 -18.42
C SER A 401 -10.93 -22.28 -19.19
N HIS A 402 -9.61 -22.08 -19.05
CA HIS A 402 -8.91 -20.90 -19.60
C HIS A 402 -9.42 -19.58 -19.01
N ARG A 403 -10.02 -19.65 -17.82
CA ARG A 403 -10.47 -18.44 -17.12
C ARG A 403 -9.22 -17.68 -16.67
N LEU A 404 -9.22 -16.37 -16.88
CA LEU A 404 -8.16 -15.53 -16.37
C LEU A 404 -8.28 -15.45 -14.84
N ILE A 405 -7.22 -15.81 -14.14
CA ILE A 405 -7.24 -15.79 -12.67
C ILE A 405 -6.21 -14.87 -12.04
N GLY A 406 -5.26 -14.36 -12.84
CA GLY A 406 -4.30 -13.41 -12.30
C GLY A 406 -3.54 -12.66 -13.37
N VAL A 407 -3.13 -11.45 -13.04
CA VAL A 407 -2.27 -10.65 -13.89
C VAL A 407 -1.22 -9.98 -13.02
N GLN A 408 0.03 -10.00 -13.48
CA GLN A 408 1.12 -9.25 -12.88
C GLN A 408 1.80 -8.44 -13.98
N ALA A 409 2.00 -7.15 -13.73
CA ALA A 409 2.58 -6.29 -14.74
C ALA A 409 3.61 -5.38 -14.12
N VAL A 410 4.69 -5.15 -14.86
CA VAL A 410 5.63 -4.09 -14.55
C VAL A 410 5.65 -3.22 -15.79
N ALA A 411 5.10 -2.01 -15.67
CA ALA A 411 4.96 -1.13 -16.83
C ALA A 411 4.59 0.27 -16.36
N PRO A 412 4.98 1.30 -17.12
CA PRO A 412 4.37 2.59 -16.86
C PRO A 412 2.85 2.46 -17.00
N GLU A 413 2.11 3.07 -16.09
CA GLU A 413 0.64 3.01 -16.07
CA GLU A 413 0.64 3.00 -16.06
C GLU A 413 0.10 1.60 -15.79
N ALA A 414 0.92 0.73 -15.21
CA ALA A 414 0.43 -0.61 -14.84
C ALA A 414 -0.79 -0.49 -13.91
N GLY A 415 -0.78 0.51 -13.03
CA GLY A 415 -1.90 0.72 -12.11
C GLY A 415 -3.22 1.06 -12.78
N GLU A 416 -3.15 1.63 -13.99
CA GLU A 416 -4.37 1.92 -14.76
C GLU A 416 -4.86 0.68 -15.48
N LEU A 417 -3.96 -0.03 -16.15
CA LEU A 417 -4.34 -1.19 -16.95
C LEU A 417 -4.81 -2.35 -16.06
N ILE A 418 -4.27 -2.44 -14.85
CA ILE A 418 -4.63 -3.55 -13.96
C ILE A 418 -6.13 -3.61 -13.65
N GLN A 419 -6.82 -2.48 -13.72
CA GLN A 419 -8.24 -2.47 -13.42
C GLN A 419 -9.05 -3.18 -14.50
N THR A 420 -8.60 -3.12 -15.75
CA THR A 420 -9.23 -3.90 -16.82
C THR A 420 -9.09 -5.40 -16.51
N ALA A 421 -7.91 -5.81 -16.08
CA ALA A 421 -7.67 -7.18 -15.64
C ALA A 421 -8.56 -7.54 -14.47
N ALA A 422 -8.68 -6.63 -13.51
CA ALA A 422 -9.52 -6.88 -12.34
C ALA A 422 -10.99 -7.16 -12.73
N LEU A 423 -11.54 -6.34 -13.61
CA LEU A 423 -12.91 -6.55 -14.09
CA LEU A 423 -12.92 -6.55 -14.09
C LEU A 423 -13.06 -7.84 -14.89
N ALA A 424 -12.04 -8.18 -15.67
CA ALA A 424 -12.07 -9.42 -16.45
C ALA A 424 -12.13 -10.63 -15.52
N ILE A 425 -11.40 -10.58 -14.42
CA ILE A 425 -11.39 -11.64 -13.44
C ILE A 425 -12.73 -11.68 -12.70
N ARG A 426 -13.25 -10.51 -12.30
CA ARG A 426 -14.56 -10.42 -11.62
C ARG A 426 -15.66 -11.07 -12.47
N ASN A 427 -15.62 -10.79 -13.76
CA ASN A 427 -16.64 -11.27 -14.70
C ASN A 427 -16.33 -12.67 -15.26
N ARG A 428 -15.32 -13.33 -14.71
CA ARG A 428 -14.96 -14.71 -15.05
C ARG A 428 -14.68 -14.92 -16.53
N MET A 429 -14.01 -13.96 -17.14
CA MET A 429 -13.70 -14.02 -18.56
C MET A 429 -12.57 -15.01 -18.85
N THR A 430 -12.64 -15.66 -20.02
CA THR A 430 -11.50 -16.43 -20.51
C THR A 430 -10.54 -15.49 -21.21
N VAL A 431 -9.30 -15.93 -21.41
CA VAL A 431 -8.33 -15.13 -22.15
C VAL A 431 -8.76 -14.94 -23.60
N GLN A 432 -9.46 -15.94 -24.16
CA GLN A 432 -9.99 -15.81 -25.51
C GLN A 432 -11.02 -14.68 -25.57
N GLU A 433 -11.92 -14.65 -24.58
CA GLU A 433 -12.94 -13.59 -24.50
C GLU A 433 -12.30 -12.22 -24.32
N LEU A 434 -11.29 -12.14 -23.46
CA LEU A 434 -10.56 -10.88 -23.28
C LEU A 434 -9.89 -10.43 -24.58
N ALA A 435 -9.24 -11.37 -25.27
CA ALA A 435 -8.54 -11.08 -26.54
C ALA A 435 -9.48 -10.64 -27.66
N ASP A 436 -10.74 -11.08 -27.63
N ASP A 436 -10.74 -11.11 -27.60
CA ASP A 436 -11.66 -10.74 -28.68
CA ASP A 436 -11.78 -10.80 -28.58
C ASP A 436 -12.35 -9.39 -28.47
C ASP A 436 -12.23 -9.35 -28.51
N GLN A 437 -12.07 -8.71 -27.34
CA GLN A 437 -12.55 -7.35 -27.13
C GLN A 437 -11.67 -6.36 -27.86
N LEU A 438 -12.27 -5.26 -28.32
CA LEU A 438 -11.49 -4.17 -28.93
C LEU A 438 -10.80 -3.35 -27.85
N PHE A 439 -9.50 -3.11 -28.07
CA PHE A 439 -8.68 -2.26 -27.21
C PHE A 439 -8.14 -1.12 -28.06
N PRO A 440 -7.90 0.06 -27.46
CA PRO A 440 -7.31 1.12 -28.26
C PRO A 440 -5.84 0.85 -28.57
N TYR A 441 -5.47 1.07 -29.83
CA TYR A 441 -4.09 0.98 -30.27
C TYR A 441 -3.24 2.03 -29.55
N LEU A 442 -2.00 1.66 -29.23
CA LEU A 442 -1.02 2.56 -28.66
C LEU A 442 -1.43 3.06 -27.27
N THR A 443 -2.12 2.19 -26.53
CA THR A 443 -2.30 2.35 -25.08
C THR A 443 -1.57 1.22 -24.37
N MET A 444 -1.17 1.43 -23.11
CA MET A 444 -0.51 0.35 -22.40
C MET A 444 -1.47 -0.83 -22.17
N VAL A 445 -2.74 -0.51 -21.95
CA VAL A 445 -3.74 -1.54 -21.67
C VAL A 445 -3.93 -2.51 -22.86
N GLU A 446 -3.64 -2.06 -24.08
CA GLU A 446 -3.59 -2.95 -25.24
C GLU A 446 -2.71 -4.16 -24.98
N GLY A 447 -1.67 -3.99 -24.16
CA GLY A 447 -0.79 -5.12 -23.82
C GLY A 447 -1.51 -6.29 -23.18
N LEU A 448 -2.61 -6.05 -22.48
CA LEU A 448 -3.40 -7.16 -21.92
C LEU A 448 -3.96 -8.03 -23.04
N LYS A 449 -4.52 -7.38 -24.07
CA LYS A 449 -5.03 -8.10 -25.23
C LYS A 449 -3.92 -8.88 -25.92
N LEU A 450 -2.78 -8.24 -26.17
CA LEU A 450 -1.69 -8.88 -26.88
C LEU A 450 -1.17 -10.08 -26.08
N ALA A 451 -1.05 -9.94 -24.77
CA ALA A 451 -0.64 -11.05 -23.92
C ALA A 451 -1.65 -12.20 -23.99
N ALA A 452 -2.93 -11.86 -23.97
CA ALA A 452 -4.01 -12.86 -24.03
C ALA A 452 -3.95 -13.64 -25.34
N GLN A 453 -3.62 -12.95 -26.43
CA GLN A 453 -3.53 -13.59 -27.73
C GLN A 453 -2.38 -14.61 -27.85
N THR A 454 -1.35 -14.48 -27.01
CA THR A 454 -0.22 -15.40 -27.08
C THR A 454 -0.52 -16.80 -26.51
N PHE A 455 -1.68 -16.98 -25.88
CA PHE A 455 -2.14 -18.32 -25.50
C PHE A 455 -2.57 -19.15 -26.70
N ASN A 456 -2.90 -18.47 -27.81
CA ASN A 456 -3.41 -19.13 -29.01
C ASN A 456 -2.39 -19.13 -30.15
N LYS A 457 -1.81 -17.97 -30.42
CA LYS A 457 -0.88 -17.80 -31.54
C LYS A 457 0.36 -17.02 -31.14
N ASP A 458 1.30 -16.88 -32.08
CA ASP A 458 2.49 -16.07 -31.88
C ASP A 458 2.17 -14.61 -32.22
N VAL A 459 2.31 -13.71 -31.24
CA VAL A 459 2.04 -12.28 -31.46
C VAL A 459 3.04 -11.69 -32.45
N LYS A 460 4.25 -12.25 -32.51
CA LYS A 460 5.26 -11.85 -33.49
C LYS A 460 4.77 -11.97 -34.94
N GLN A 461 4.00 -13.01 -35.24
CA GLN A 461 3.48 -13.24 -36.60
C GLN A 461 2.04 -12.71 -36.79
N LEU A 462 1.53 -11.97 -35.79
CA LEU A 462 0.22 -11.35 -35.90
C LEU A 462 0.34 -9.96 -36.49
N SER A 463 -0.60 -9.57 -37.35
CA SER A 463 -0.62 -8.22 -37.91
C SER A 463 -1.27 -7.23 -36.94
N CYS A 464 -1.14 -5.95 -37.27
CA CYS A 464 -1.57 -4.85 -36.40
C CYS A 464 -3.02 -4.99 -35.93
N CYS A 465 -3.20 -5.08 -34.60
CA CYS A 465 -4.51 -5.25 -33.95
C CYS A 465 -5.35 -6.43 -34.48
N ALA A 466 -4.70 -7.47 -34.99
CA ALA A 466 -5.42 -8.69 -35.36
C ALA A 466 -6.22 -9.13 -34.13
N GLY A 467 -7.50 -9.43 -34.33
CA GLY A 467 -8.42 -9.66 -33.22
C GLY A 467 -9.65 -8.79 -33.40
PA FAD B . -4.73 4.10 9.95
O1A FAD B . -5.05 5.01 8.81
O2A FAD B . -3.30 3.83 10.27
O5B FAD B . -5.49 4.69 11.22
C5B FAD B . -5.35 4.14 12.53
C4B FAD B . -5.54 5.27 13.52
O4B FAD B . -5.78 4.72 14.82
C3B FAD B . -4.31 6.17 13.65
O3B FAD B . -4.67 7.54 13.41
C2B FAD B . -3.84 5.96 15.09
O2B FAD B . -3.30 7.10 15.74
C1B FAD B . -5.11 5.55 15.77
N9A FAD B . -4.95 4.73 16.98
C8A FAD B . -4.22 3.61 17.10
N7A FAD B . -4.35 3.09 18.35
C5A FAD B . -5.22 3.87 19.01
C6A FAD B . -5.79 3.88 20.37
N6A FAD B . -5.47 2.91 21.24
N1A FAD B . -6.64 4.87 20.68
C2A FAD B . -6.97 5.85 19.81
N3A FAD B . -6.48 5.91 18.55
C4A FAD B . -5.62 4.96 18.12
N1 FAD B . -2.45 2.32 0.62
C2 FAD B . -2.93 2.42 -0.65
O2 FAD B . -4.06 1.96 -0.87
N3 FAD B . -2.27 3.05 -1.65
C4 FAD B . -1.07 3.61 -1.46
O4 FAD B . -0.45 4.17 -2.38
C4X FAD B . -0.45 3.55 -0.12
N5 FAD B . 0.76 4.08 0.14
C5X FAD B . 1.29 4.02 1.37
C6 FAD B . 2.53 4.61 1.64
C7 FAD B . 3.09 4.54 2.91
C7M FAD B . 4.42 5.17 3.18
C8 FAD B . 2.35 3.85 3.99
C8M FAD B . 2.94 3.77 5.37
C9 FAD B . 1.12 3.27 3.73
C9A FAD B . 0.56 3.32 2.45
N10 FAD B . -0.68 2.74 2.18
C10 FAD B . -1.24 2.84 0.91
C1' FAD B . -1.45 2.00 3.18
C2' FAD B . -2.57 2.79 3.75
O2' FAD B . -2.04 4.04 4.18
C3' FAD B . -3.11 1.98 4.92
O3' FAD B . -3.36 0.61 4.52
C4' FAD B . -4.38 2.57 5.47
O4' FAD B . -4.17 3.96 5.72
C5' FAD B . -4.82 1.87 6.75
O5' FAD B . -5.98 2.50 7.25
P FAD B . -6.50 2.09 8.69
O1P FAD B . -7.81 2.80 8.86
O2P FAD B . -6.42 0.60 8.87
O3P FAD B . -5.39 2.65 9.73
PA NAP C . 6.17 -5.30 3.43
O1A NAP C . 5.60 -5.14 2.05
O2A NAP C . 5.39 -6.06 4.46
O5B NAP C . 7.59 -6.02 3.24
C5B NAP C . 8.45 -6.23 4.35
C4B NAP C . 9.84 -5.80 3.93
O4B NAP C . 10.70 -5.76 5.08
C3B NAP C . 10.47 -6.77 2.96
O3B NAP C . 11.32 -6.06 2.04
C2B NAP C . 11.29 -7.67 3.88
O2B NAP C . 12.34 -8.36 3.20
C1B NAP C . 11.82 -6.62 4.81
N9A NAP C . 12.33 -7.04 6.11
C8A NAP C . 11.60 -7.52 7.14
N7A NAP C . 12.41 -7.74 8.20
C5A NAP C . 13.65 -7.39 7.85
C6A NAP C . 14.97 -7.39 8.51
N6A NAP C . 15.11 -7.81 9.79
N1A NAP C . 16.03 -6.92 7.80
C2A NAP C . 15.90 -6.50 6.51
N3A NAP C . 14.73 -6.48 5.85
C4A NAP C . 13.60 -6.91 6.47
O3 NAP C . 6.56 -3.91 4.14
PN NAP C . 6.53 -2.36 3.64
O1N NAP C . 7.12 -2.18 2.27
O2N NAP C . 7.08 -1.62 4.82
O5D NAP C . 4.97 -2.06 3.44
C5D NAP C . 4.11 -2.05 4.57
C4D NAP C . 2.68 -2.31 4.15
O4D NAP C . 2.13 -1.07 3.65
C3D NAP C . 2.50 -3.35 3.06
O3D NAP C . 1.36 -4.18 3.30
C2D NAP C . 2.30 -2.52 1.82
O2D NAP C . 1.59 -3.18 0.77
C1D NAP C . 1.60 -1.27 2.34
N1N NAP C . 1.91 -0.18 1.42
C2N NAP C . 1.22 -0.13 0.27
C3N NAP C . 1.52 0.84 -0.67
C7N NAP C . 0.77 0.90 -1.98
O7N NAP C . -0.33 0.35 -2.06
N7N NAP C . 1.32 1.48 -3.05
C4N NAP C . 2.54 1.76 -0.41
C5N NAP C . 3.24 1.67 0.78
C6N NAP C . 2.90 0.68 1.69
P2B NAP C . 12.02 -9.79 2.53
O1X NAP C . 10.87 -9.57 1.58
O2X NAP C . 13.32 -10.22 1.88
O3X NAP C . 11.63 -10.67 3.70
HG HG D . -2.78 -2.26 -34.49
S SO4 E . 0.15 0.44 20.34
O1 SO4 E . -1.14 -0.25 20.61
O2 SO4 E . 1.26 -0.53 20.33
O3 SO4 E . 0.13 1.15 19.03
O4 SO4 E . 0.37 1.47 21.38
S SO4 F . 15.14 15.16 9.70
O1 SO4 F . 15.76 16.29 10.42
O2 SO4 F . 14.21 14.44 10.59
O3 SO4 F . 14.38 15.66 8.53
O4 SO4 F . 16.20 14.23 9.22
S SO4 G . -27.00 -7.35 22.10
O1 SO4 G . -27.97 -7.61 23.19
O2 SO4 G . -25.97 -8.40 22.09
O3 SO4 G . -27.71 -7.34 20.81
O4 SO4 G . -26.36 -6.03 22.32
C1 GOL H . 12.43 6.42 -19.38
O1 GOL H . 11.82 7.67 -19.02
C2 GOL H . 13.81 6.28 -18.73
O2 GOL H . 13.68 6.22 -17.31
C3 GOL H . 14.73 7.46 -19.06
O3 GOL H . 15.09 7.49 -20.45
C1 GOL I . -20.79 10.69 23.58
O1 GOL I . -19.57 9.93 23.60
C2 GOL I . -21.91 9.95 24.29
O2 GOL I . -21.45 9.57 25.59
C3 GOL I . -22.32 8.70 23.49
O3 GOL I . -22.82 9.04 22.19
C1 GOL J . 12.18 7.86 14.25
O1 GOL J . 10.94 7.15 14.22
C2 GOL J . 13.13 7.19 15.25
O2 GOL J . 12.69 7.49 16.58
C3 GOL J . 14.57 7.67 15.08
O3 GOL J . 14.65 9.01 14.58
UNK UNX K . -5.59 -11.62 -34.69
UNK UNX L . -3.69 20.45 35.24
UNK UNX M . 20.18 -10.47 13.89
UNK UNX N . 4.63 7.15 12.04
UNK UNX O . 30.10 7.96 1.26
UNK UNX P . -22.51 -0.48 27.14
UNK UNX Q . -9.53 11.06 35.37
UNK UNX R . -0.78 -17.32 14.87
UNK UNX S . 34.43 -1.66 3.82
UNK UNX T . 10.24 -4.89 -30.91
UNK UNX U . 5.83 -17.56 -21.27
UNK UNX V . -18.33 -10.79 -26.40
UNK UNX W . -0.31 -15.93 19.38
UNK UNX X . 30.72 12.30 0.58
UNK UNX Y . -20.67 -7.09 0.95
UNK UNX Z . -1.04 6.56 -11.32
#